data_8JMX
#
_entry.id   8JMX
#
_cell.length_a   83.133
_cell.length_b   83.133
_cell.length_c   171.452
_cell.angle_alpha   90.0
_cell.angle_beta   90.0
_cell.angle_gamma   120.0
#
_symmetry.space_group_name_H-M   'P 61 2 2'
#
loop_
_entity.id
_entity.type
_entity.pdbx_description
1 polymer 'Aurora kinase A'
2 non-polymer 5-(4-morpholin-4-yl-7H-pyrrolo[2,3-d]pyrimidin-5-yl)-2-oxidanyl-benzaldehyde
#
_entity_poly.entity_id   1
_entity_poly.type   'polypeptide(L)'
_entity_poly.pdbx_seq_one_letter_code
;QWALEDFEIGRPLGKGKFGNVYLAREKQSKFILALKVLFKAQLEKAGVEHQLRREVEIQSHLRHPNILRLYGYFHDATRV
YLILEYAPLGTVYRELQKLSKFDEQRTATYITELANALSYCHSKRVIHRDIKPENLLLGSAGELKIADFGWSVHAPSSRR
TTLCGTLDYLPPEMIEGRMHDEKVDLWSLGVLCYEFLVGKPPFEANTYQETYKRISRVEFTFPDFVTEGARDLISRLLKH
NPSQRPMLREVLEHPWITANSSK
;
_entity_poly.pdbx_strand_id   A
#
loop_
_chem_comp.id
_chem_comp.type
_chem_comp.name
_chem_comp.formula
E47 non-polymer 5-(4-morpholin-4-yl-7H-pyrrolo[2,3-d]pyrimidin-5-yl)-2-oxidanyl-benzaldehyde 'C17 H16 N4 O3'
#
# COMPACT_ATOMS: atom_id res chain seq x y z
N GLN A 1 1.48 17.25 22.65
CA GLN A 1 2.66 17.60 21.85
C GLN A 1 2.31 18.20 20.48
N TRP A 2 1.02 18.19 20.14
CA TRP A 2 0.47 18.73 18.89
C TRP A 2 -1.06 18.94 19.00
N ALA A 3 -1.58 20.07 18.52
CA ALA A 3 -3.04 20.29 18.49
C ALA A 3 -3.53 20.99 17.21
N LEU A 4 -4.81 20.81 16.89
CA LEU A 4 -5.37 21.40 15.68
C LEU A 4 -5.16 22.93 15.62
N GLU A 5 -5.05 23.60 16.75
CA GLU A 5 -4.81 25.04 16.72
C GLU A 5 -3.45 25.36 16.11
N ASP A 6 -2.63 24.35 15.83
CA ASP A 6 -1.32 24.56 15.22
C ASP A 6 -1.35 24.49 13.70
N PHE A 7 -2.48 24.08 13.15
CA PHE A 7 -2.58 23.88 11.72
C PHE A 7 -3.74 24.62 11.13
N GLU A 8 -3.52 25.27 10.01
CA GLU A 8 -4.62 25.77 9.22
C GLU A 8 -4.97 24.67 8.23
N ILE A 9 -6.18 24.14 8.29
CA ILE A 9 -6.51 23.07 7.35
C ILE A 9 -6.87 23.66 5.99
N GLY A 10 -6.77 22.85 4.95
CA GLY A 10 -7.13 23.30 3.62
C GLY A 10 -8.00 22.32 2.87
N ARG A 11 -7.62 22.11 1.63
CA ARG A 11 -8.37 21.27 0.72
C ARG A 11 -8.46 19.81 1.18
N PRO A 12 -9.64 19.23 1.05
CA PRO A 12 -9.79 17.78 1.28
C PRO A 12 -8.98 16.99 0.27
N LEU A 13 -8.12 16.10 0.74
CA LEU A 13 -7.32 15.27 -0.15
C LEU A 13 -8.11 14.01 -0.51
N GLY A 14 -8.85 13.50 0.46
CA GLY A 14 -9.66 12.32 0.26
C GLY A 14 -10.62 12.17 1.41
N LYS A 15 -11.69 11.40 1.21
CA LYS A 15 -12.75 11.29 2.21
C LYS A 15 -13.50 9.95 2.14
N GLY A 16 -14.09 9.55 3.27
CA GLY A 16 -14.94 8.37 3.29
C GLY A 16 -14.70 7.43 4.45
N LYS A 17 -15.80 6.79 4.90
CA LYS A 17 -15.79 5.86 6.03
C LYS A 17 -15.42 6.54 7.33
N PHE A 18 -14.36 6.05 7.97
CA PHE A 18 -13.94 6.58 9.25
C PHE A 18 -13.10 7.86 9.10
N GLY A 19 -13.77 8.99 8.87
CA GLY A 19 -13.12 10.30 8.88
C GLY A 19 -12.62 10.86 7.54
N ASN A 20 -11.81 11.91 7.59
CA ASN A 20 -11.33 12.58 6.37
C ASN A 20 -9.82 12.89 6.32
N VAL A 21 -9.30 13.18 5.13
CA VAL A 21 -7.91 13.63 5.03
C VAL A 21 -7.83 15.00 4.39
N TYR A 22 -7.26 15.94 5.13
CA TYR A 22 -7.16 17.33 4.70
C TYR A 22 -5.71 17.76 4.52
N LEU A 23 -5.47 18.58 3.50
CA LEU A 23 -4.17 19.24 3.36
C LEU A 23 -4.10 20.27 4.44
N ALA A 24 -2.93 20.50 5.04
CA ALA A 24 -2.84 21.55 6.05
C ALA A 24 -1.44 22.11 6.27
N ARG A 25 -1.35 23.28 6.88
CA ARG A 25 -0.06 23.93 7.06
C ARG A 25 0.26 24.15 8.52
N GLU A 26 1.40 23.65 8.96
CA GLU A 26 1.84 23.89 10.33
C GLU A 26 2.29 25.35 10.47
N LYS A 27 1.49 26.11 11.23
CA LYS A 27 1.66 27.54 11.43
C LYS A 27 3.11 28.04 11.69
N GLN A 28 3.85 27.42 12.62
CA GLN A 28 5.10 28.03 13.06
C GLN A 28 6.27 27.66 12.15
N SER A 29 6.03 26.83 11.15
CA SER A 29 7.08 26.58 10.16
C SER A 29 6.60 26.77 8.71
N LYS A 30 5.29 26.92 8.56
CA LYS A 30 4.64 27.00 7.25
C LYS A 30 4.82 25.68 6.48
N PHE A 31 5.05 24.59 7.23
CA PHE A 31 5.21 23.24 6.66
C PHE A 31 3.93 22.69 6.07
N ILE A 32 3.97 22.21 4.83
CA ILE A 32 2.77 21.63 4.22
C ILE A 32 2.70 20.13 4.48
N LEU A 33 1.58 19.68 5.03
CA LEU A 33 1.39 18.27 5.35
C LEU A 33 -0.04 17.82 5.13
N ALA A 34 -0.35 16.66 5.70
CA ALA A 34 -1.69 16.08 5.53
C ALA A 34 -2.23 15.61 6.87
N LEU A 35 -3.49 15.94 7.15
CA LEU A 35 -4.15 15.54 8.40
C LEU A 35 -5.24 14.50 8.17
N LYS A 36 -5.22 13.44 9.00
CA LYS A 36 -6.23 12.39 8.94
C LYS A 36 -7.15 12.49 10.14
N VAL A 37 -8.44 12.66 9.89
CA VAL A 37 -9.42 12.80 10.96
C VAL A 37 -10.18 11.48 11.14
N LEU A 38 -10.53 11.15 12.38
CA LEU A 38 -11.15 9.85 12.63
C LEU A 38 -12.51 9.92 13.34
N PHE A 39 -12.71 10.96 14.18
CA PHE A 39 -13.95 11.19 14.94
C PHE A 39 -14.10 10.28 16.17
N LYS A 40 -13.29 9.21 16.23
CA LYS A 40 -13.34 8.21 17.32
C LYS A 40 -14.68 7.49 17.41
N ALA A 41 -15.64 7.91 16.59
CA ALA A 41 -16.97 7.32 16.57
C ALA A 41 -16.81 5.88 16.13
N GLN A 42 -15.75 5.67 15.37
CA GLN A 42 -15.42 4.36 14.85
C GLN A 42 -14.35 3.73 15.72
N LEU A 43 -13.79 4.50 16.66
CA LEU A 43 -12.93 3.93 17.69
C LEU A 43 -13.78 2.95 18.47
N GLU A 44 -14.97 3.41 18.88
CA GLU A 44 -16.03 2.50 19.33
C GLU A 44 -16.62 1.79 18.10
N LYS A 45 -16.96 0.50 18.26
CA LYS A 45 -17.47 -0.41 17.21
C LYS A 45 -16.35 -0.97 16.34
N ALA A 46 -15.13 -0.69 16.75
CA ALA A 46 -14.02 -1.29 16.08
C ALA A 46 -12.98 -1.58 17.17
N GLY A 47 -13.07 -0.82 18.26
CA GLY A 47 -12.33 -1.14 19.48
C GLY A 47 -10.88 -0.97 19.12
N VAL A 48 -10.71 -0.17 18.10
CA VAL A 48 -9.44 -0.09 17.53
C VAL A 48 -8.93 1.15 18.36
N GLU A 49 -9.04 1.12 19.69
CA GLU A 49 -8.33 2.10 20.56
C GLU A 49 -7.06 1.41 20.91
N HIS A 50 -5.99 2.17 21.07
CA HIS A 50 -4.62 1.64 21.13
C HIS A 50 -4.12 1.02 19.82
N GLN A 51 -4.98 0.25 19.14
CA GLN A 51 -4.84 -0.13 17.72
C GLN A 51 -3.56 0.32 16.86
N LEU A 52 -3.29 1.63 16.91
CA LEU A 52 -2.68 2.46 15.85
C LEU A 52 -1.87 3.33 16.68
N ARG A 53 -2.49 3.81 17.76
CA ARG A 53 -1.71 4.47 18.77
C ARG A 53 -0.52 3.55 19.11
N ARG A 54 -0.72 2.24 18.94
CA ARG A 54 0.37 1.25 18.82
C ARG A 54 1.10 1.21 17.45
N GLU A 55 0.34 1.06 16.35
CA GLU A 55 0.92 1.19 15.00
C GLU A 55 1.59 2.58 14.82
N VAL A 56 1.00 3.63 15.39
CA VAL A 56 1.58 5.00 15.38
C VAL A 56 3.00 4.97 15.90
N GLU A 57 3.21 4.38 17.07
CA GLU A 57 4.56 4.32 17.66
C GLU A 57 5.51 3.56 16.74
N ILE A 58 5.01 2.51 16.08
CA ILE A 58 5.80 1.71 15.15
C ILE A 58 6.24 2.51 13.94
N GLN A 59 5.26 3.04 13.20
CA GLN A 59 5.54 3.71 11.92
C GLN A 59 6.35 4.98 12.12
N SER A 60 6.06 5.69 13.21
CA SER A 60 6.63 7.01 13.50
C SER A 60 8.14 6.95 13.59
N HIS A 61 8.65 5.76 13.92
CA HIS A 61 10.06 5.45 13.88
C HIS A 61 10.36 4.47 12.76
N LEU A 62 9.92 4.84 11.56
CA LEU A 62 10.38 4.23 10.32
C LEU A 62 10.80 5.34 9.39
N ARG A 63 11.83 5.13 8.59
CA ARG A 63 12.27 6.17 7.65
C ARG A 63 12.86 5.60 6.34
N HIS A 64 12.32 6.04 5.19
CA HIS A 64 12.72 5.50 3.88
C HIS A 64 11.98 6.31 2.82
N PRO A 65 12.62 6.53 1.64
CA PRO A 65 12.02 7.39 0.61
C PRO A 65 10.72 6.85 0.01
N ASN A 66 10.62 5.54 -0.15
CA ASN A 66 9.42 4.93 -0.67
C ASN A 66 8.43 4.56 0.41
N ILE A 67 8.55 5.20 1.56
CA ILE A 67 7.56 5.02 2.61
C ILE A 67 7.09 6.38 3.14
N LEU A 68 5.77 6.61 3.10
CA LEU A 68 5.16 7.85 3.57
C LEU A 68 5.40 8.17 5.02
N ARG A 69 6.08 9.27 5.31
CA ARG A 69 6.48 9.55 6.69
C ARG A 69 5.28 9.95 7.55
N LEU A 70 5.21 9.38 8.76
CA LEU A 70 4.25 9.81 9.77
C LEU A 70 4.95 10.60 10.86
N TYR A 71 4.37 11.73 11.21
CA TYR A 71 5.05 12.69 12.06
C TYR A 71 4.63 12.64 13.53
N GLY A 72 3.32 12.51 13.75
CA GLY A 72 2.74 12.57 15.09
C GLY A 72 1.23 12.34 15.06
N TYR A 73 0.58 12.43 16.22
CA TYR A 73 -0.86 12.19 16.32
C TYR A 73 -1.41 12.92 17.55
N PHE A 74 -2.73 13.15 17.61
CA PHE A 74 -3.31 13.80 18.77
C PHE A 74 -4.82 13.59 19.00
N HIS A 75 -5.20 13.63 20.28
CA HIS A 75 -6.55 13.30 20.75
C HIS A 75 -7.45 14.51 20.74
N ASP A 76 -8.54 14.45 19.98
CA ASP A 76 -9.59 15.45 20.20
C ASP A 76 -10.50 14.81 21.23
N ALA A 77 -11.38 15.61 21.83
CA ALA A 77 -12.48 15.05 22.58
C ALA A 77 -13.17 14.05 21.66
N THR A 78 -13.77 14.54 20.59
CA THR A 78 -14.38 13.67 19.60
C THR A 78 -13.34 13.01 18.66
N ARG A 79 -12.66 13.77 17.79
CA ARG A 79 -11.85 13.13 16.73
C ARG A 79 -10.42 12.65 17.09
N VAL A 80 -9.87 11.77 16.27
CA VAL A 80 -8.44 11.49 16.36
C VAL A 80 -7.77 11.89 15.05
N TYR A 81 -6.62 12.55 15.17
CA TYR A 81 -5.94 13.10 14.01
C TYR A 81 -4.51 12.55 13.84
N LEU A 82 -4.18 12.21 12.60
CA LEU A 82 -2.84 11.75 12.24
C LEU A 82 -2.11 12.78 11.37
N ILE A 83 -0.81 12.93 11.57
CA ILE A 83 -0.03 13.90 10.82
C ILE A 83 0.96 13.24 9.87
N LEU A 84 0.64 13.20 8.58
CA LEU A 84 1.46 12.47 7.62
C LEU A 84 2.10 13.36 6.56
N GLU A 85 3.11 12.81 5.90
CA GLU A 85 3.73 13.45 4.76
C GLU A 85 2.67 13.73 3.72
N TYR A 86 2.80 14.83 3.00
CA TYR A 86 1.86 15.17 1.94
C TYR A 86 2.46 14.77 0.61
N ALA A 87 1.70 14.03 -0.19
CA ALA A 87 2.25 13.48 -1.43
C ALA A 87 1.64 14.13 -2.70
N PRO A 88 2.40 15.04 -3.33
CA PRO A 88 1.90 16.00 -4.33
C PRO A 88 1.27 15.40 -5.59
N LEU A 89 1.62 14.19 -6.01
CA LEU A 89 1.01 13.63 -7.23
C LEU A 89 -0.08 12.58 -6.89
N GLY A 90 -0.54 12.56 -5.64
CA GLY A 90 -1.66 11.71 -5.26
C GLY A 90 -1.42 10.21 -5.31
N THR A 91 -2.49 9.44 -5.51
CA THR A 91 -2.42 7.99 -5.47
C THR A 91 -2.07 7.36 -6.81
N VAL A 92 -1.53 6.15 -6.78
CA VAL A 92 -1.34 5.37 -7.98
C VAL A 92 -2.70 4.92 -8.49
N TYR A 93 -3.63 4.67 -7.56
CA TYR A 93 -5.03 4.39 -7.88
C TYR A 93 -5.59 5.39 -8.89
N ARG A 94 -5.53 6.69 -8.57
CA ARG A 94 -6.07 7.68 -9.47
C ARG A 94 -5.34 7.62 -10.80
N GLU A 95 -4.04 7.37 -10.80
CA GLU A 95 -3.35 7.38 -12.09
C GLU A 95 -3.64 6.16 -12.92
N LEU A 96 -3.83 5.03 -12.24
CA LEU A 96 -4.22 3.81 -12.92
C LEU A 96 -5.58 4.00 -13.57
N GLN A 97 -6.42 4.74 -12.87
CA GLN A 97 -7.72 5.11 -13.41
C GLN A 97 -7.55 5.97 -14.63
N LYS A 98 -6.74 7.02 -14.48
CA LYS A 98 -6.51 7.94 -15.57
C LYS A 98 -5.88 7.25 -16.79
N LEU A 99 -4.97 6.28 -16.58
CA LEU A 99 -4.27 5.68 -17.70
C LEU A 99 -4.76 4.28 -18.13
N SER A 100 -5.70 3.71 -17.40
CA SER A 100 -6.13 2.31 -17.58
C SER A 100 -5.06 1.27 -17.22
N LYS A 101 -3.95 1.24 -17.96
CA LYS A 101 -2.85 0.27 -17.76
C LYS A 101 -1.51 1.01 -17.69
N PHE A 102 -0.48 0.39 -17.12
CA PHE A 102 0.87 0.97 -17.14
C PHE A 102 1.79 0.22 -18.11
N ASP A 103 2.80 0.94 -18.60
CA ASP A 103 3.80 0.33 -19.46
C ASP A 103 4.81 -0.42 -18.58
N GLU A 104 5.68 -1.22 -19.20
CA GLU A 104 6.61 -2.03 -18.42
C GLU A 104 7.61 -1.20 -17.63
N GLN A 105 7.87 0.03 -18.07
CA GLN A 105 8.88 0.82 -17.41
C GLN A 105 8.35 1.36 -16.11
N ARG A 106 7.13 1.88 -16.17
CA ARG A 106 6.49 2.43 -14.98
C ARG A 106 6.09 1.32 -14.02
N THR A 107 5.66 0.19 -14.58
CA THR A 107 5.30 -0.98 -13.78
C THR A 107 6.53 -1.50 -13.06
N ALA A 108 7.63 -1.68 -13.79
CA ALA A 108 8.81 -2.30 -13.19
C ALA A 108 9.51 -1.33 -12.24
N THR A 109 9.35 -0.03 -12.47
CA THR A 109 9.94 0.93 -11.55
C THR A 109 9.17 0.95 -10.23
N TYR A 110 7.85 1.06 -10.31
CA TYR A 110 7.02 1.01 -9.10
C TYR A 110 7.35 -0.25 -8.33
N ILE A 111 7.38 -1.37 -9.03
CA ILE A 111 7.69 -2.63 -8.40
C ILE A 111 9.06 -2.62 -7.69
N THR A 112 10.07 -2.03 -8.33
CA THR A 112 11.33 -1.84 -7.65
C THR A 112 11.15 -1.09 -6.33
N GLU A 113 10.67 0.16 -6.40
CA GLU A 113 10.59 1.03 -5.22
C GLU A 113 9.78 0.38 -4.09
N LEU A 114 8.78 -0.42 -4.48
CA LEU A 114 8.00 -1.20 -3.52
C LEU A 114 8.86 -2.28 -2.86
N ALA A 115 9.52 -3.08 -3.68
CA ALA A 115 10.41 -4.14 -3.20
C ALA A 115 11.43 -3.61 -2.21
N ASN A 116 11.99 -2.44 -2.50
CA ASN A 116 12.92 -1.85 -1.56
C ASN A 116 12.25 -1.43 -0.28
N ALA A 117 11.09 -0.80 -0.41
CA ALA A 117 10.39 -0.30 0.78
C ALA A 117 9.98 -1.43 1.69
N LEU A 118 9.77 -2.62 1.12
CA LEU A 118 9.36 -3.75 1.94
C LEU A 118 10.54 -4.39 2.71
N SER A 119 11.62 -4.76 2.00
CA SER A 119 12.82 -5.33 2.64
C SER A 119 13.32 -4.50 3.82
N TYR A 120 13.26 -3.18 3.69
CA TYR A 120 13.48 -2.29 4.82
C TYR A 120 12.49 -2.61 5.94
N CYS A 121 11.21 -2.79 5.61
CA CYS A 121 10.20 -3.04 6.65
C CYS A 121 10.44 -4.39 7.29
N HIS A 122 10.84 -5.36 6.47
CA HIS A 122 11.20 -6.67 6.96
C HIS A 122 12.35 -6.55 7.93
N SER A 123 13.37 -5.80 7.52
CA SER A 123 14.55 -5.57 8.34
C SER A 123 14.20 -4.92 9.68
N LYS A 124 13.10 -4.17 9.76
CA LYS A 124 12.65 -3.64 11.04
C LYS A 124 11.59 -4.58 11.59
N ARG A 125 11.60 -5.82 11.11
CA ARG A 125 10.66 -6.87 11.55
C ARG A 125 9.21 -6.42 11.44
N VAL A 126 8.90 -5.74 10.34
CA VAL A 126 7.53 -5.30 10.07
C VAL A 126 7.00 -5.98 8.80
N ILE A 127 5.89 -6.71 8.97
CA ILE A 127 5.21 -7.38 7.87
C ILE A 127 3.77 -6.92 7.91
N HIS A 128 2.97 -7.26 6.89
CA HIS A 128 1.59 -6.78 6.82
C HIS A 128 0.75 -7.31 5.67
N ARG A 129 -0.11 -6.43 5.15
CA ARG A 129 -0.88 -6.66 3.95
C ARG A 129 -1.06 -5.31 3.22
N ASP A 130 -2.33 -4.91 3.00
CA ASP A 130 -2.71 -3.78 2.13
C ASP A 130 -1.84 -3.64 0.85
N ILE A 131 -1.22 -2.48 0.63
CA ILE A 131 -0.47 -2.16 -0.60
C ILE A 131 -1.43 -2.13 -1.80
N LYS A 132 -2.73 -2.04 -1.51
CA LYS A 132 -3.73 -1.67 -2.51
C LYS A 132 -3.29 -0.34 -3.19
N PRO A 133 -3.49 -0.21 -4.51
CA PRO A 133 -3.09 1.02 -5.19
C PRO A 133 -3.63 2.31 -4.55
N GLU A 134 -4.67 2.20 -3.74
CA GLU A 134 -5.16 3.38 -3.02
C GLU A 134 -4.23 3.78 -1.87
N ASN A 135 -3.29 2.89 -1.50
CA ASN A 135 -2.36 3.11 -0.39
C ASN A 135 -0.96 3.37 -0.90
N LEU A 136 -0.84 3.65 -2.18
CA LEU A 136 0.45 4.04 -2.74
C LEU A 136 0.36 5.48 -3.26
N LEU A 137 1.06 6.39 -2.59
CA LEU A 137 1.06 7.79 -2.97
C LEU A 137 2.27 8.12 -3.84
N LEU A 138 2.29 9.30 -4.43
CA LEU A 138 3.40 9.69 -5.30
C LEU A 138 4.05 11.00 -4.82
N GLY A 139 5.37 10.96 -4.61
CA GLY A 139 6.11 12.11 -4.13
C GLY A 139 6.23 13.11 -5.25
N SER A 140 6.84 14.26 -4.95
CA SER A 140 6.93 15.31 -5.95
C SER A 140 7.74 14.87 -7.16
N ALA A 141 8.56 13.83 -7.00
CA ALA A 141 9.39 13.36 -8.11
C ALA A 141 8.77 12.12 -8.78
N GLY A 142 7.55 11.79 -8.41
CA GLY A 142 6.92 10.63 -9.02
C GLY A 142 7.25 9.33 -8.32
N GLU A 143 8.05 9.42 -7.25
CA GLU A 143 8.46 8.23 -6.52
C GLU A 143 7.26 7.65 -5.80
N LEU A 144 7.17 6.33 -5.84
CA LEU A 144 6.16 5.60 -5.08
C LEU A 144 6.37 5.87 -3.61
N LYS A 145 5.36 5.63 -2.79
CA LYS A 145 5.43 5.96 -1.37
C LYS A 145 4.31 5.25 -0.65
N ILE A 146 4.62 4.31 0.24
CA ILE A 146 3.64 3.44 0.86
C ILE A 146 2.85 4.12 1.97
N ALA A 147 1.54 4.17 1.85
CA ALA A 147 0.70 4.63 2.95
C ALA A 147 0.74 3.68 4.15
N ASP A 148 -0.43 3.39 4.72
CA ASP A 148 -0.44 2.83 6.07
C ASP A 148 -0.31 1.32 6.13
N PHE A 149 -0.29 0.82 7.37
CA PHE A 149 -0.38 -0.61 7.64
C PHE A 149 -1.68 -0.91 8.39
N GLY A 150 -2.51 0.11 8.56
CA GLY A 150 -3.79 -0.03 9.24
C GLY A 150 -3.97 0.97 10.36
N CYS A 164 -16.26 -8.23 5.70
CA CYS A 164 -14.83 -8.15 5.98
C CYS A 164 -14.18 -7.09 5.03
N GLY A 165 -12.91 -7.31 4.66
CA GLY A 165 -12.25 -6.49 3.66
C GLY A 165 -12.53 -7.02 2.25
N THR A 166 -11.90 -6.46 1.23
CA THR A 166 -12.24 -6.79 -0.16
C THR A 166 -11.60 -8.08 -0.68
N LEU A 167 -10.60 -8.57 0.05
CA LEU A 167 -9.92 -9.86 -0.24
C LEU A 167 -8.85 -9.87 -1.33
N ASP A 168 -9.06 -9.18 -2.45
CA ASP A 168 -8.25 -9.47 -3.63
C ASP A 168 -6.74 -9.18 -3.51
N TYR A 169 -6.27 -8.48 -2.47
CA TYR A 169 -4.80 -8.41 -2.25
C TYR A 169 -4.32 -9.36 -1.16
N LEU A 170 -5.25 -10.00 -0.46
CA LEU A 170 -4.89 -11.04 0.50
C LEU A 170 -4.35 -12.31 -0.15
N PRO A 171 -3.35 -12.93 0.47
CA PRO A 171 -2.75 -14.16 -0.01
C PRO A 171 -3.52 -15.38 0.48
N PRO A 172 -3.39 -16.51 -0.23
CA PRO A 172 -4.13 -17.74 0.09
C PRO A 172 -3.97 -18.14 1.53
N GLU A 173 -2.76 -18.05 2.06
CA GLU A 173 -2.55 -18.52 3.42
C GLU A 173 -3.34 -17.68 4.42
N MET A 174 -3.57 -16.41 4.11
CA MET A 174 -4.24 -15.57 5.10
C MET A 174 -5.74 -15.74 5.07
N ILE A 175 -6.27 -16.20 3.94
CA ILE A 175 -7.70 -16.33 3.81
C ILE A 175 -8.15 -17.77 4.10
N GLU A 176 -7.21 -18.71 4.06
CA GLU A 176 -7.51 -20.07 4.48
C GLU A 176 -7.43 -20.14 6.01
N GLY A 177 -6.86 -19.10 6.61
CA GLY A 177 -6.81 -18.99 8.05
C GLY A 177 -5.52 -19.53 8.63
N ARG A 178 -4.63 -19.99 7.75
CA ARG A 178 -3.34 -20.52 8.17
C ARG A 178 -2.44 -19.47 8.82
N MET A 179 -1.16 -19.81 8.97
CA MET A 179 -0.19 -18.88 9.52
C MET A 179 0.52 -18.12 8.39
N HIS A 180 0.91 -16.88 8.65
CA HIS A 180 1.61 -16.09 7.66
C HIS A 180 2.85 -15.40 8.20
N ASP A 181 3.94 -15.46 7.45
CA ASP A 181 5.14 -14.73 7.82
C ASP A 181 5.27 -13.45 6.99
N GLU A 182 6.50 -13.04 6.71
CA GLU A 182 6.75 -11.90 5.85
C GLU A 182 6.51 -12.22 4.39
N LYS A 183 6.33 -13.50 4.07
CA LYS A 183 6.19 -13.89 2.66
C LYS A 183 4.85 -13.46 2.09
N VAL A 184 3.98 -12.93 2.96
CA VAL A 184 2.72 -12.33 2.55
C VAL A 184 2.96 -11.22 1.55
N ASP A 185 4.00 -10.44 1.79
CA ASP A 185 4.29 -9.24 1.02
C ASP A 185 4.80 -9.56 -0.37
N LEU A 186 5.12 -10.82 -0.64
CA LEU A 186 5.61 -11.11 -1.98
C LEU A 186 4.46 -11.62 -2.83
N TRP A 187 3.41 -12.08 -2.16
CA TRP A 187 2.15 -12.31 -2.84
C TRP A 187 1.74 -10.97 -3.39
N SER A 188 1.51 -10.04 -2.46
CA SER A 188 1.09 -8.68 -2.76
C SER A 188 1.82 -8.10 -3.95
N LEU A 189 3.15 -8.20 -3.95
CA LEU A 189 3.96 -7.67 -5.03
C LEU A 189 3.52 -8.22 -6.38
N GLY A 190 3.24 -9.51 -6.44
CA GLY A 190 2.81 -10.11 -7.68
C GLY A 190 1.44 -9.57 -8.06
N VAL A 191 0.55 -9.50 -7.07
CA VAL A 191 -0.80 -8.97 -7.31
C VAL A 191 -0.73 -7.58 -7.95
N LEU A 192 -0.06 -6.64 -7.30
CA LEU A 192 0.11 -5.32 -7.88
C LEU A 192 0.76 -5.32 -9.25
N CYS A 193 1.88 -6.02 -9.41
CA CYS A 193 2.56 -6.00 -10.70
C CYS A 193 1.60 -6.46 -11.79
N TYR A 194 0.76 -7.43 -11.46
CA TYR A 194 -0.30 -7.82 -12.39
C TYR A 194 -1.30 -6.66 -12.59
N GLU A 195 -1.83 -6.09 -11.50
CA GLU A 195 -2.78 -4.98 -11.63
C GLU A 195 -2.18 -3.81 -12.42
N PHE A 196 -0.93 -3.48 -12.11
CA PHE A 196 -0.23 -2.41 -12.81
C PHE A 196 -0.16 -2.65 -14.32
N LEU A 197 0.03 -3.89 -14.73
CA LEU A 197 0.17 -4.14 -16.16
C LEU A 197 -1.18 -4.33 -16.83
N VAL A 198 -2.16 -4.83 -16.09
CA VAL A 198 -3.40 -5.26 -16.74
C VAL A 198 -4.61 -4.33 -16.49
N GLY A 199 -4.52 -3.47 -15.49
CA GLY A 199 -5.62 -2.58 -15.18
C GLY A 199 -6.53 -3.09 -14.07
N LYS A 200 -6.66 -4.41 -13.94
CA LYS A 200 -7.44 -5.01 -12.86
C LYS A 200 -6.61 -6.05 -12.08
N PRO A 201 -6.96 -6.30 -10.80
CA PRO A 201 -6.18 -7.33 -10.09
C PRO A 201 -6.49 -8.74 -10.58
N PRO A 202 -5.54 -9.68 -10.47
CA PRO A 202 -5.73 -10.98 -11.11
C PRO A 202 -6.89 -11.84 -10.59
N PHE A 203 -7.36 -11.65 -9.36
CA PHE A 203 -8.41 -12.53 -8.84
C PHE A 203 -9.73 -11.80 -8.61
N GLU A 204 -9.81 -10.61 -9.19
CA GLU A 204 -11.02 -9.80 -9.15
C GLU A 204 -12.24 -10.67 -9.39
N ALA A 205 -13.30 -10.39 -8.67
CA ALA A 205 -14.59 -10.96 -8.98
C ALA A 205 -15.62 -9.95 -8.56
N ASN A 206 -16.86 -10.30 -8.78
CA ASN A 206 -17.92 -9.40 -8.40
C ASN A 206 -18.61 -10.01 -7.20
N THR A 207 -17.93 -10.99 -6.61
CA THR A 207 -18.38 -11.67 -5.41
C THR A 207 -17.19 -12.00 -4.50
N TYR A 208 -17.33 -11.69 -3.22
CA TYR A 208 -16.35 -12.02 -2.21
C TYR A 208 -16.09 -13.52 -2.21
N GLN A 209 -17.15 -14.28 -2.39
CA GLN A 209 -17.07 -15.73 -2.41
C GLN A 209 -16.29 -16.26 -3.65
N GLU A 210 -16.54 -15.72 -4.85
CA GLU A 210 -15.75 -16.11 -6.03
C GLU A 210 -14.27 -15.77 -5.83
N THR A 211 -13.98 -14.47 -5.66
CA THR A 211 -12.61 -14.02 -5.39
C THR A 211 -11.89 -14.93 -4.41
N TYR A 212 -12.58 -15.29 -3.34
CA TYR A 212 -12.03 -16.19 -2.34
C TYR A 212 -11.57 -17.49 -3.01
N LYS A 213 -12.40 -18.00 -3.92
CA LYS A 213 -12.07 -19.26 -4.58
C LYS A 213 -10.84 -19.04 -5.45
N ARG A 214 -10.92 -18.07 -6.35
CA ARG A 214 -9.80 -17.67 -7.19
C ARG A 214 -8.50 -17.59 -6.39
N ILE A 215 -8.48 -16.74 -5.38
CA ILE A 215 -7.28 -16.57 -4.57
C ILE A 215 -6.74 -17.91 -4.03
N SER A 216 -7.55 -18.72 -3.34
CA SER A 216 -7.04 -19.95 -2.72
C SER A 216 -6.59 -20.99 -3.72
N ARG A 217 -7.21 -21.01 -4.91
CA ARG A 217 -6.73 -21.89 -5.99
C ARG A 217 -5.74 -21.20 -6.91
N VAL A 218 -5.32 -19.99 -6.52
CA VAL A 218 -4.51 -19.10 -7.34
C VAL A 218 -4.82 -19.28 -8.83
N GLU A 219 -6.01 -18.87 -9.24
CA GLU A 219 -6.42 -19.01 -10.64
C GLU A 219 -6.36 -17.69 -11.37
N PHE A 220 -5.28 -17.42 -12.10
CA PHE A 220 -5.25 -16.20 -12.91
C PHE A 220 -4.85 -16.47 -14.33
N THR A 221 -5.39 -15.70 -15.28
CA THR A 221 -4.89 -15.77 -16.64
C THR A 221 -4.34 -14.43 -17.12
N PHE A 222 -3.35 -14.48 -18.00
CA PHE A 222 -2.75 -13.30 -18.59
C PHE A 222 -3.42 -12.90 -19.89
N PRO A 223 -3.76 -11.62 -20.06
CA PRO A 223 -4.13 -11.22 -21.42
C PRO A 223 -2.88 -11.28 -22.30
N ASP A 224 -3.04 -11.41 -23.61
CA ASP A 224 -1.89 -11.60 -24.48
C ASP A 224 -0.80 -10.51 -24.30
N PHE A 225 -1.18 -9.23 -24.23
CA PHE A 225 -0.16 -8.16 -24.22
C PHE A 225 0.81 -8.17 -23.04
N VAL A 226 0.63 -9.10 -22.10
CA VAL A 226 1.59 -9.24 -20.99
C VAL A 226 2.78 -10.06 -21.46
N THR A 227 3.96 -9.43 -21.48
CA THR A 227 5.16 -10.09 -21.97
C THR A 227 5.61 -11.25 -21.04
N GLU A 228 6.44 -12.14 -21.59
CA GLU A 228 6.95 -13.33 -20.91
C GLU A 228 7.74 -13.02 -19.65
N GLY A 229 8.40 -11.86 -19.64
CA GLY A 229 9.28 -11.52 -18.55
C GLY A 229 8.48 -11.12 -17.34
N ALA A 230 7.26 -10.65 -17.58
CA ALA A 230 6.35 -10.26 -16.50
C ALA A 230 5.58 -11.49 -16.08
N ARG A 231 5.07 -12.22 -17.08
CA ARG A 231 4.42 -13.50 -16.80
C ARG A 231 5.30 -14.28 -15.84
N ASP A 232 6.60 -14.26 -16.09
CA ASP A 232 7.49 -15.01 -15.24
C ASP A 232 7.52 -14.46 -13.82
N LEU A 233 7.76 -13.16 -13.69
CA LEU A 233 7.89 -12.53 -12.37
C LEU A 233 6.61 -12.70 -11.58
N ILE A 234 5.49 -12.38 -12.23
CA ILE A 234 4.16 -12.52 -11.65
C ILE A 234 3.93 -13.95 -11.19
N SER A 235 4.05 -14.89 -12.13
CA SER A 235 3.93 -16.32 -11.81
C SER A 235 4.70 -16.75 -10.57
N ARG A 236 5.98 -16.38 -10.52
CA ARG A 236 6.85 -16.76 -9.42
C ARG A 236 6.39 -16.19 -8.11
N LEU A 237 5.69 -15.06 -8.15
CA LEU A 237 5.24 -14.45 -6.92
C LEU A 237 3.88 -15.00 -6.53
N LEU A 238 3.15 -15.50 -7.51
CA LEU A 238 1.78 -15.96 -7.25
C LEU A 238 1.72 -17.50 -7.17
N LYS A 239 2.25 -18.01 -6.06
CA LYS A 239 2.24 -19.45 -5.80
C LYS A 239 1.62 -19.68 -4.44
N HIS A 240 0.72 -20.67 -4.39
CA HIS A 240 0.01 -21.00 -3.17
C HIS A 240 0.95 -21.31 -2.00
N ASN A 241 2.13 -21.83 -2.33
CA ASN A 241 3.10 -22.20 -1.32
C ASN A 241 4.11 -21.09 -1.00
N PRO A 242 3.94 -20.42 0.14
CA PRO A 242 4.82 -19.31 0.55
C PRO A 242 6.29 -19.57 0.28
N SER A 243 6.88 -20.55 0.95
CA SER A 243 8.30 -20.89 0.76
C SER A 243 8.78 -21.04 -0.69
N GLN A 244 7.88 -20.91 -1.67
CA GLN A 244 8.25 -21.04 -3.06
C GLN A 244 8.18 -19.69 -3.77
N ARG A 245 8.01 -18.65 -2.99
CA ARG A 245 8.01 -17.31 -3.53
C ARG A 245 9.42 -16.79 -3.43
N PRO A 246 9.90 -16.07 -4.47
CA PRO A 246 11.26 -15.54 -4.51
C PRO A 246 11.53 -14.71 -3.29
N MET A 247 12.80 -14.40 -3.01
CA MET A 247 13.10 -13.52 -1.88
C MET A 247 13.13 -12.11 -2.46
N LEU A 248 12.97 -11.08 -1.62
CA LEU A 248 12.88 -9.72 -2.16
C LEU A 248 14.12 -9.44 -2.99
N ARG A 249 15.27 -9.84 -2.42
CA ARG A 249 16.56 -9.72 -3.09
C ARG A 249 16.49 -10.23 -4.53
N GLU A 250 15.79 -11.34 -4.73
CA GLU A 250 15.74 -11.92 -6.07
C GLU A 250 14.83 -11.11 -6.97
N VAL A 251 13.77 -10.55 -6.39
CA VAL A 251 12.79 -9.81 -7.17
C VAL A 251 13.45 -8.62 -7.82
N LEU A 252 14.25 -7.92 -7.01
CA LEU A 252 14.94 -6.72 -7.42
C LEU A 252 15.91 -6.99 -8.56
N GLU A 253 16.33 -8.24 -8.68
CA GLU A 253 17.31 -8.61 -9.68
C GLU A 253 16.76 -9.49 -10.81
N HIS A 254 15.46 -9.74 -10.82
CA HIS A 254 14.86 -10.49 -11.91
C HIS A 254 15.00 -9.68 -13.20
N PRO A 255 15.52 -10.30 -14.28
CA PRO A 255 15.87 -9.62 -15.53
C PRO A 255 14.87 -8.57 -15.97
N TRP A 256 13.60 -8.97 -16.03
CA TRP A 256 12.53 -8.07 -16.48
C TRP A 256 12.49 -6.80 -15.63
N ILE A 257 12.78 -6.92 -14.34
CA ILE A 257 12.90 -5.74 -13.51
C ILE A 257 14.06 -4.91 -14.05
N THR A 258 15.28 -5.44 -13.92
CA THR A 258 16.51 -4.73 -14.34
C THR A 258 16.39 -4.20 -15.76
N ALA A 259 15.89 -5.04 -16.67
CA ALA A 259 15.76 -4.64 -18.07
C ALA A 259 14.96 -3.36 -18.19
N ASN A 260 13.84 -3.30 -17.47
CA ASN A 260 12.85 -2.25 -17.61
C ASN A 260 12.85 -1.17 -16.52
N SER A 261 13.40 -1.48 -15.35
CA SER A 261 13.31 -0.55 -14.24
C SER A 261 14.08 0.76 -14.52
N SER A 262 13.92 1.74 -13.63
CA SER A 262 14.56 3.04 -13.80
C SER A 262 15.73 3.22 -12.83
N LYS A 263 16.61 4.15 -13.19
CA LYS A 263 17.80 4.47 -12.37
C LYS A 263 17.42 5.08 -11.03
N1 E47 B . -4.77 10.78 -0.09
N3 E47 B . -1.32 13.37 -0.13
C4 E47 B . -6.68 10.92 -1.36
C5 E47 B . -3.58 11.57 -0.04
C6 E47 B . -2.33 13.33 -1.04
C7 E47 B . -1.48 12.49 0.84
C8 E47 B . -2.60 11.53 0.95
C10 E47 B . -2.23 10.89 2.21
C13 E47 B . -4.00 8.15 4.45
C15 E47 B . -3.80 7.40 2.09
C17 E47 B . -4.42 7.92 5.91
O1 E47 B . -7.49 10.19 -0.45
C1 E47 B . -6.83 9.78 0.74
C2 E47 B . -5.57 10.56 1.09
C3 E47 B . -5.27 10.34 -1.35
N2 E47 B . -3.43 12.49 -1.05
N4 E47 B . -0.68 12.20 1.99
C9 E47 B . -1.11 11.25 2.78
C11 E47 B . -2.99 9.68 2.78
C12 E47 B . -3.33 9.48 4.08
C14 E47 B . -4.22 7.18 3.51
C16 E47 B . -3.20 8.57 1.76
O2 E47 B . -4.83 5.94 3.83
#